data_2SBA
#
_entry.id   2SBA
#
_cell.length_a   144.900
_cell.length_b   144.900
_cell.length_c   109.400
_cell.angle_alpha   90.00
_cell.angle_beta   90.00
_cell.angle_gamma   120.00
#
_symmetry.space_group_name_H-M   'P 64 2 2'
#
loop_
_entity.id
_entity.type
_entity.pdbx_description
1 polymer Lectin
2 branched beta-D-galactopyranose-(1-4)-2-acetamido-2-deoxy-beta-D-glucopyranose
3 non-polymer 'MANGANESE (II) ION'
4 non-polymer 'CALCIUM ION'
5 water water
#
_entity_poly.entity_id   1
_entity_poly.type   'polypeptide(L)'
_entity_poly.pdbx_seq_one_letter_code
;AETVSFSWNKFVPKQPNMILQGDAIVTSSGKLQLNKVDENGTPKPSSLGRALYSTPIHIWDKETGSVASFAASFNFTFYA
PDTKRLADGLAFFLAPIDTKPQTHAGYLGLFNENESGDQVVAVEFDTFRNSWDPPNPHIGINVNSIRSIKTTSWDLANNK
VAKVLITYDASTSLLVASLVYPSQRTSNILSDVVDLKTSLPEWVRIGFSAATGLDIPGESHDVLSWSFASNLPHASSNID
PLDLTSFVLHEAI
;
_entity_poly.pdbx_strand_id   A
#
loop_
_chem_comp.id
_chem_comp.type
_chem_comp.name
_chem_comp.formula
CA non-polymer 'CALCIUM ION' 'Ca 2'
GAL D-saccharide, beta linking beta-D-galactopyranose 'C6 H12 O6'
MN non-polymer 'MANGANESE (II) ION' 'Mn 2'
NAG D-saccharide, beta linking 2-acetamido-2-deoxy-beta-D-glucopyranose 'C8 H15 N O6'
#
# COMPACT_ATOMS: atom_id res chain seq x y z
N ALA A 1 17.73 2.66 -21.15
CA ALA A 1 17.43 2.81 -19.73
C ALA A 1 16.90 1.50 -19.14
N GLU A 2 16.29 1.55 -17.97
CA GLU A 2 15.76 0.33 -17.43
C GLU A 2 14.27 0.34 -17.38
N THR A 3 13.68 -0.68 -17.95
CA THR A 3 12.27 -0.75 -18.00
C THR A 3 11.69 -2.03 -17.48
N VAL A 4 10.59 -1.83 -16.81
CA VAL A 4 9.80 -2.93 -16.38
C VAL A 4 8.32 -2.52 -16.32
N SER A 5 7.49 -3.53 -16.49
CA SER A 5 6.08 -3.39 -16.35
C SER A 5 5.46 -4.76 -16.15
N PHE A 6 4.32 -4.72 -15.48
CA PHE A 6 3.47 -5.83 -15.30
C PHE A 6 2.01 -5.39 -15.07
N SER A 7 1.07 -6.31 -15.37
CA SER A 7 -0.36 -6.05 -15.26
C SER A 7 -1.14 -7.35 -15.09
N TRP A 8 -2.07 -7.40 -14.09
CA TRP A 8 -3.00 -8.51 -13.76
C TRP A 8 -4.41 -7.98 -13.56
N ASN A 9 -5.39 -8.68 -14.18
CA ASN A 9 -6.83 -8.36 -14.05
C ASN A 9 -7.41 -9.13 -12.84
N LYS A 10 -6.63 -10.19 -12.44
CA LYS A 10 -6.91 -11.18 -11.36
C LYS A 10 -5.61 -11.73 -10.74
N PHE A 11 -5.77 -12.27 -9.52
CA PHE A 11 -4.66 -12.94 -8.84
C PHE A 11 -4.77 -14.49 -8.96
N VAL A 12 -3.65 -15.13 -9.28
CA VAL A 12 -3.62 -16.58 -9.44
C VAL A 12 -3.01 -17.17 -8.22
N PRO A 13 -3.77 -18.03 -7.55
CA PRO A 13 -3.30 -18.59 -6.31
C PRO A 13 -2.02 -19.33 -6.54
N LYS A 14 -1.10 -19.16 -5.60
CA LYS A 14 0.20 -19.80 -5.73
C LYS A 14 0.97 -19.35 -6.95
N GLN A 15 0.86 -18.07 -7.31
CA GLN A 15 1.65 -17.53 -8.41
C GLN A 15 3.05 -17.23 -7.92
N PRO A 16 4.05 -17.71 -8.68
CA PRO A 16 5.49 -17.57 -8.43
C PRO A 16 6.07 -16.17 -8.66
N ASN A 17 5.24 -15.13 -8.81
CA ASN A 17 5.74 -13.78 -9.03
C ASN A 17 5.49 -12.86 -7.83
N MET A 18 4.40 -13.17 -7.12
CA MET A 18 4.10 -12.48 -5.88
C MET A 18 4.73 -13.29 -4.71
N ILE A 19 5.18 -12.59 -3.68
CA ILE A 19 5.65 -13.19 -2.46
C ILE A 19 4.70 -12.83 -1.33
N LEU A 20 4.12 -13.84 -0.67
CA LEU A 20 3.15 -13.61 0.38
C LEU A 20 3.77 -13.57 1.77
N GLN A 21 3.29 -12.63 2.60
CA GLN A 21 3.75 -12.57 3.97
C GLN A 21 2.60 -12.52 4.93
N GLY A 22 2.86 -13.02 6.12
CA GLY A 22 1.87 -13.04 7.16
C GLY A 22 0.62 -13.75 6.73
N ASP A 23 -0.50 -13.19 7.13
CA ASP A 23 -1.83 -13.68 6.84
C ASP A 23 -2.21 -13.58 5.32
N ALA A 24 -1.35 -12.87 4.54
CA ALA A 24 -1.61 -12.60 3.14
C ALA A 24 -1.77 -13.86 2.34
N ILE A 25 -2.84 -13.93 1.53
CA ILE A 25 -3.04 -15.09 0.70
C ILE A 25 -3.92 -14.80 -0.49
N VAL A 26 -3.80 -15.61 -1.55
CA VAL A 26 -4.66 -15.43 -2.74
C VAL A 26 -5.79 -16.45 -2.87
N THR A 27 -7.03 -15.96 -3.00
CA THR A 27 -8.20 -16.83 -3.06
C THR A 27 -8.37 -17.49 -4.40
N SER A 28 -9.26 -18.46 -4.43
CA SER A 28 -9.62 -19.09 -5.67
C SER A 28 -10.27 -18.04 -6.54
N SER A 29 -11.28 -17.36 -5.97
CA SER A 29 -12.01 -16.29 -6.63
C SER A 29 -11.08 -15.34 -7.40
N GLY A 30 -9.86 -15.19 -6.90
CA GLY A 30 -8.86 -14.36 -7.53
C GLY A 30 -8.45 -13.09 -6.77
N LYS A 31 -8.92 -12.92 -5.51
CA LYS A 31 -8.58 -11.74 -4.69
C LYS A 31 -7.26 -11.89 -3.91
N LEU A 32 -6.50 -10.81 -3.77
CA LEU A 32 -5.38 -10.81 -2.84
C LEU A 32 -5.98 -10.40 -1.55
N GLN A 33 -6.09 -11.36 -0.68
CA GLN A 33 -6.71 -11.14 0.60
C GLN A 33 -5.68 -10.96 1.68
N LEU A 34 -5.64 -9.76 2.20
CA LEU A 34 -4.57 -9.40 3.08
C LEU A 34 -4.69 -9.83 4.48
N ASN A 35 -5.86 -9.77 5.00
CA ASN A 35 -6.09 -10.05 6.39
C ASN A 35 -6.97 -11.31 6.60
N LYS A 36 -6.89 -11.91 7.80
CA LYS A 36 -7.65 -13.12 8.07
C LYS A 36 -9.13 -12.86 8.38
N VAL A 37 -10.02 -13.68 7.79
CA VAL A 37 -11.46 -13.53 8.00
C VAL A 37 -12.26 -14.81 8.33
N ASP A 38 -13.33 -14.65 9.14
CA ASP A 38 -14.22 -15.74 9.59
C ASP A 38 -15.03 -16.34 8.46
N GLU A 39 -15.38 -17.60 8.62
CA GLU A 39 -16.20 -18.22 7.62
C GLU A 39 -17.43 -17.34 7.38
N ASN A 40 -17.83 -16.60 8.46
CA ASN A 40 -18.97 -15.69 8.40
C ASN A 40 -18.64 -14.47 7.54
N GLY A 41 -17.35 -14.42 7.13
CA GLY A 41 -16.78 -13.38 6.28
C GLY A 41 -16.13 -12.26 7.09
N THR A 42 -16.25 -12.37 8.41
CA THR A 42 -15.78 -11.37 9.38
C THR A 42 -14.26 -11.24 9.51
N PRO A 43 -13.76 -10.03 9.74
CA PRO A 43 -12.33 -9.91 9.93
C PRO A 43 -11.95 -10.31 11.36
N LYS A 44 -10.74 -10.80 11.53
CA LYS A 44 -10.27 -11.19 12.83
C LYS A 44 -9.18 -10.25 13.32
N PRO A 45 -9.41 -9.67 14.47
CA PRO A 45 -8.49 -8.77 15.11
C PRO A 45 -7.04 -9.27 15.14
N SER A 46 -6.17 -8.31 15.38
CA SER A 46 -4.74 -8.53 15.39
C SER A 46 -4.13 -9.30 14.23
N SER A 47 -4.84 -9.24 13.07
CA SER A 47 -4.44 -9.79 11.76
C SER A 47 -3.49 -8.83 11.03
N LEU A 48 -2.64 -9.41 10.17
CA LEU A 48 -1.69 -8.61 9.36
C LEU A 48 -0.98 -9.41 8.27
N GLY A 49 -1.32 -9.04 6.99
CA GLY A 49 -0.73 -9.58 5.75
C GLY A 49 0.06 -8.52 4.96
N ARG A 50 1.08 -8.98 4.27
CA ARG A 50 1.90 -8.19 3.35
C ARG A 50 2.06 -8.97 2.03
N ALA A 51 2.47 -8.32 0.95
CA ALA A 51 2.54 -8.96 -0.37
C ALA A 51 3.48 -8.23 -1.30
N LEU A 52 4.46 -8.98 -1.77
CA LEU A 52 5.50 -8.40 -2.55
C LEU A 52 5.58 -8.88 -3.98
N TYR A 53 6.28 -8.14 -4.76
CA TYR A 53 6.45 -8.52 -6.12
C TYR A 53 7.88 -9.00 -6.27
N SER A 54 8.02 -10.24 -6.67
CA SER A 54 9.35 -10.83 -6.79
C SER A 54 10.42 -9.98 -7.51
N THR A 55 10.36 -9.78 -8.82
CA THR A 55 11.47 -9.02 -9.36
C THR A 55 11.67 -7.71 -8.58
N PRO A 56 12.94 -7.37 -8.37
CA PRO A 56 13.30 -6.17 -7.68
C PRO A 56 13.36 -5.05 -8.63
N ILE A 57 13.27 -3.86 -8.11
CA ILE A 57 13.18 -2.68 -8.95
C ILE A 57 14.29 -1.75 -8.73
N HIS A 58 14.96 -1.49 -9.80
CA HIS A 58 16.05 -0.59 -9.77
C HIS A 58 15.47 0.79 -9.81
N ILE A 59 15.39 1.39 -8.67
CA ILE A 59 14.76 2.67 -8.50
C ILE A 59 15.68 3.86 -8.75
N TRP A 60 16.95 3.67 -8.51
CA TRP A 60 17.89 4.74 -8.74
C TRP A 60 19.27 4.19 -8.82
N ASP A 61 20.13 4.90 -9.48
CA ASP A 61 21.45 4.37 -9.76
C ASP A 61 22.49 5.31 -9.23
N LYS A 62 23.40 4.73 -8.46
CA LYS A 62 24.45 5.49 -7.79
C LYS A 62 25.50 6.08 -8.70
N GLU A 63 26.03 5.27 -9.62
CA GLU A 63 27.05 5.79 -10.50
C GLU A 63 26.57 6.98 -11.32
N THR A 64 25.37 6.82 -11.94
CA THR A 64 24.77 7.82 -12.83
C THR A 64 23.82 8.86 -12.21
N GLY A 65 23.50 8.78 -10.92
CA GLY A 65 22.63 9.80 -10.30
C GLY A 65 21.17 9.64 -10.67
N SER A 66 20.94 8.92 -11.78
CA SER A 66 19.62 8.68 -12.36
C SER A 66 18.58 8.20 -11.33
N VAL A 67 17.33 8.70 -11.49
CA VAL A 67 16.19 8.34 -10.60
C VAL A 67 14.98 7.82 -11.35
N ALA A 68 14.39 6.71 -10.93
CA ALA A 68 13.27 6.28 -11.75
C ALA A 68 12.03 7.09 -11.54
N SER A 69 11.15 6.83 -12.47
CA SER A 69 9.82 7.33 -12.46
C SER A 69 8.95 6.12 -12.49
N PHE A 70 7.81 6.25 -11.95
CA PHE A 70 7.06 5.06 -11.91
C PHE A 70 5.61 5.34 -11.62
N ALA A 71 4.83 4.32 -11.86
CA ALA A 71 3.43 4.45 -11.61
C ALA A 71 2.81 3.11 -11.34
N ALA A 72 1.81 3.13 -10.47
CA ALA A 72 1.13 1.96 -10.04
C ALA A 72 -0.38 2.15 -9.85
N SER A 73 -1.14 1.14 -10.23
CA SER A 73 -2.56 1.24 -9.99
C SER A 73 -3.12 -0.06 -9.41
N PHE A 74 -4.23 0.08 -8.62
CA PHE A 74 -4.97 -1.07 -8.07
C PHE A 74 -6.42 -0.80 -7.71
N ASN A 75 -7.24 -1.87 -7.87
CA ASN A 75 -8.67 -1.98 -7.47
C ASN A 75 -8.67 -2.62 -6.07
N PHE A 76 -9.22 -1.90 -5.09
CA PHE A 76 -9.30 -2.49 -3.78
C PHE A 76 -10.49 -2.06 -3.04
N THR A 77 -10.94 -3.00 -2.16
CA THR A 77 -12.04 -2.82 -1.20
C THR A 77 -11.60 -3.18 0.18
N PHE A 78 -12.54 -2.93 1.06
CA PHE A 78 -12.43 -3.30 2.41
C PHE A 78 -13.80 -3.65 2.93
N TYR A 79 -13.83 -4.58 3.85
CA TYR A 79 -15.07 -4.96 4.45
C TYR A 79 -15.08 -4.66 5.94
N ALA A 80 -16.03 -3.85 6.38
CA ALA A 80 -16.11 -3.51 7.80
C ALA A 80 -17.46 -3.91 8.37
N PRO A 81 -17.39 -4.82 9.30
CA PRO A 81 -18.57 -5.37 9.91
C PRO A 81 -19.29 -4.34 10.75
N ASP A 82 -18.50 -3.38 11.36
CA ASP A 82 -19.07 -2.24 12.12
C ASP A 82 -18.33 -0.97 11.82
N THR A 83 -18.96 -0.15 11.01
CA THR A 83 -18.40 1.07 10.43
C THR A 83 -18.17 2.20 11.40
N LYS A 84 -18.64 2.03 12.63
CA LYS A 84 -18.38 3.02 13.62
C LYS A 84 -17.00 2.71 14.23
N ARG A 85 -16.64 1.42 14.14
CA ARG A 85 -15.38 0.91 14.66
C ARG A 85 -14.37 0.37 13.60
N LEU A 86 -13.58 1.29 12.96
CA LEU A 86 -12.60 0.81 12.00
C LEU A 86 -11.19 0.89 12.46
N ALA A 87 -10.39 0.12 11.72
CA ALA A 87 -8.96 0.01 11.84
C ALA A 87 -8.53 -1.25 11.18
N ASP A 88 -7.27 -1.26 10.72
CA ASP A 88 -6.36 -0.12 10.86
C ASP A 88 -5.93 0.44 9.51
N GLY A 89 -6.11 -0.33 8.46
CA GLY A 89 -5.69 0.21 7.22
C GLY A 89 -4.89 -0.69 6.29
N LEU A 90 -4.40 0.02 5.24
CA LEU A 90 -3.72 -0.52 4.06
C LEU A 90 -2.73 0.51 3.54
N ALA A 91 -1.56 0.02 3.13
CA ALA A 91 -0.52 0.84 2.54
C ALA A 91 0.01 0.20 1.30
N PHE A 92 0.61 1.01 0.43
CA PHE A 92 1.28 0.51 -0.75
C PHE A 92 2.64 0.92 -0.50
N PHE A 93 3.63 0.17 -0.94
CA PHE A 93 4.95 0.70 -0.59
C PHE A 93 6.09 0.07 -1.27
N LEU A 94 7.18 0.67 -0.91
CA LEU A 94 8.45 0.25 -1.37
C LEU A 94 9.39 0.25 -0.24
N ALA A 95 10.09 -0.86 -0.24
CA ALA A 95 11.06 -1.19 0.73
C ALA A 95 12.23 -1.89 0.09
N PRO A 96 13.18 -2.27 0.94
CA PRO A 96 14.34 -2.99 0.48
C PRO A 96 14.08 -4.48 0.30
N ILE A 97 14.88 -5.05 -0.61
CA ILE A 97 14.73 -6.43 -1.04
C ILE A 97 14.32 -7.42 0.04
N ASP A 98 15.04 -7.37 1.15
CA ASP A 98 14.85 -8.36 2.19
C ASP A 98 13.90 -7.90 3.27
N THR A 99 12.89 -7.16 2.86
CA THR A 99 11.99 -6.66 3.86
C THR A 99 11.04 -7.68 4.40
N LYS A 100 10.99 -7.75 5.72
CA LYS A 100 10.00 -8.56 6.38
C LYS A 100 9.12 -7.63 7.14
N PRO A 101 8.05 -8.12 7.68
CA PRO A 101 7.08 -7.29 8.35
C PRO A 101 7.50 -6.73 9.67
N GLN A 102 7.13 -5.48 9.88
CA GLN A 102 7.32 -4.78 11.13
C GLN A 102 6.11 -5.00 12.04
N THR A 103 5.80 -3.95 12.81
CA THR A 103 4.71 -3.89 13.77
C THR A 103 3.35 -3.94 13.11
N HIS A 104 2.33 -4.38 13.85
CA HIS A 104 0.99 -4.51 13.29
C HIS A 104 0.02 -3.42 13.78
N ALA A 105 -1.29 -3.67 13.58
CA ALA A 105 -2.31 -2.71 13.94
C ALA A 105 -1.98 -1.35 13.34
N GLY A 106 -1.86 -0.36 14.19
CA GLY A 106 -1.58 0.99 13.71
C GLY A 106 -0.25 1.20 12.96
N TYR A 107 0.60 0.20 12.85
CA TYR A 107 1.87 0.43 12.11
C TYR A 107 1.83 -0.12 10.70
N LEU A 108 0.65 -0.68 10.37
CA LEU A 108 0.32 -1.27 9.09
C LEU A 108 1.39 -2.21 8.58
N GLY A 109 2.10 -2.83 9.53
CA GLY A 109 3.18 -3.78 9.27
C GLY A 109 4.35 -3.10 8.61
N LEU A 110 4.45 -1.78 8.78
CA LEU A 110 5.52 -1.05 8.06
C LEU A 110 6.62 -0.44 8.90
N PHE A 111 6.24 0.13 10.03
CA PHE A 111 7.18 0.73 10.94
C PHE A 111 7.13 -0.02 12.25
N ASN A 112 8.11 0.27 13.11
CA ASN A 112 8.18 -0.21 14.48
C ASN A 112 8.30 1.05 15.40
N GLU A 113 8.02 0.92 16.71
CA GLU A 113 8.10 2.09 17.61
C GLU A 113 9.43 2.88 17.56
N ASN A 114 10.58 2.17 17.39
CA ASN A 114 11.96 2.72 17.35
C ASN A 114 12.61 2.98 15.94
N ASP A 118 11.88 1.13 9.12
CA ASP A 118 13.19 0.65 8.65
C ASP A 118 13.41 0.74 7.12
N GLN A 119 13.62 2.01 6.62
CA GLN A 119 13.83 2.43 5.21
C GLN A 119 12.63 2.20 4.25
N VAL A 120 11.51 2.88 4.57
CA VAL A 120 10.29 2.74 3.80
C VAL A 120 9.66 4.02 3.32
N VAL A 121 9.20 3.92 2.08
CA VAL A 121 8.38 4.90 1.52
C VAL A 121 7.02 4.31 1.23
N ALA A 122 6.00 4.98 1.72
CA ALA A 122 4.70 4.42 1.53
C ALA A 122 3.61 5.42 1.45
N VAL A 123 2.51 4.98 0.83
CA VAL A 123 1.24 5.68 0.79
C VAL A 123 0.21 4.84 1.53
N GLU A 124 -0.34 5.43 2.61
CA GLU A 124 -1.27 4.75 3.46
C GLU A 124 -2.61 5.30 3.32
N PHE A 125 -3.55 4.40 3.55
CA PHE A 125 -4.96 4.63 3.62
C PHE A 125 -5.40 4.23 5.01
N ASP A 126 -5.21 5.15 5.95
CA ASP A 126 -5.45 4.94 7.38
C ASP A 126 -6.90 5.22 7.85
N THR A 127 -7.51 4.24 8.54
CA THR A 127 -8.91 4.19 9.00
C THR A 127 -9.07 4.56 10.45
N PHE A 128 -7.94 4.59 11.13
CA PHE A 128 -8.00 4.69 12.54
C PHE A 128 -7.11 5.74 13.13
N ARG A 129 -7.72 6.60 13.94
CA ARG A 129 -6.99 7.71 14.49
C ARG A 129 -6.08 7.41 15.66
N ASN A 130 -4.80 7.16 15.30
CA ASN A 130 -3.72 6.93 16.27
C ASN A 130 -3.25 8.22 16.93
N SER A 131 -2.16 8.15 17.67
CA SER A 131 -1.71 9.34 18.34
C SER A 131 -1.22 10.43 17.40
N TRP A 132 -0.54 10.00 16.34
CA TRP A 132 0.05 10.89 15.36
C TRP A 132 -0.90 11.20 14.24
N ASP A 133 -2.08 10.61 14.31
CA ASP A 133 -3.03 10.84 13.24
C ASP A 133 -3.77 12.14 13.38
N PRO A 134 -4.23 12.55 12.22
CA PRO A 134 -5.14 13.63 11.99
C PRO A 134 -6.52 13.04 12.15
N PRO A 135 -7.53 13.88 12.13
CA PRO A 135 -8.88 13.36 12.29
C PRO A 135 -9.48 12.80 11.00
N ASN A 136 -10.12 11.66 11.19
CA ASN A 136 -10.82 11.01 10.12
C ASN A 136 -9.93 10.23 9.23
N PRO A 137 -10.53 9.46 8.37
CA PRO A 137 -9.70 8.64 7.57
C PRO A 137 -9.01 9.49 6.61
N HIS A 138 -7.89 9.01 6.20
CA HIS A 138 -7.07 9.86 5.44
C HIS A 138 -6.14 9.08 4.56
N ILE A 139 -5.45 9.80 3.78
CA ILE A 139 -4.49 9.22 2.95
C ILE A 139 -3.23 9.93 3.28
N GLY A 140 -2.11 9.23 3.23
CA GLY A 140 -0.88 9.89 3.64
C GLY A 140 0.37 9.38 2.94
N ILE A 141 1.35 10.20 3.03
CA ILE A 141 2.61 9.89 2.47
C ILE A 141 3.57 9.77 3.58
N ASN A 142 4.12 8.56 3.74
CA ASN A 142 5.04 8.29 4.78
C ASN A 142 6.44 8.11 4.23
N VAL A 143 7.30 9.04 4.57
CA VAL A 143 8.66 8.95 4.10
C VAL A 143 9.46 8.58 5.28
N ASN A 144 10.05 7.39 5.14
CA ASN A 144 10.87 6.68 6.14
C ASN A 144 10.27 6.77 7.60
N SER A 145 8.92 7.00 7.74
CA SER A 145 8.27 7.06 9.07
C SER A 145 6.73 6.88 9.07
N ILE A 146 6.15 6.54 10.22
CA ILE A 146 4.69 6.43 10.25
C ILE A 146 3.95 7.77 10.40
N ARG A 147 4.68 8.83 10.74
CA ARG A 147 4.02 10.10 10.83
C ARG A 147 4.07 10.76 9.46
N SER A 148 2.90 10.63 8.77
CA SER A 148 2.70 11.09 7.41
C SER A 148 3.24 12.50 7.26
N ILE A 149 3.89 12.79 6.12
CA ILE A 149 4.39 14.12 5.88
C ILE A 149 3.27 15.01 5.33
N LYS A 150 2.26 14.37 4.77
CA LYS A 150 1.09 15.05 4.26
C LYS A 150 -0.08 14.07 4.31
N THR A 151 -1.26 14.63 4.40
CA THR A 151 -2.45 13.82 4.42
C THR A 151 -3.58 14.49 3.73
N THR A 152 -4.57 13.73 3.47
CA THR A 152 -5.80 14.34 3.05
C THR A 152 -6.91 13.42 3.46
N SER A 153 -8.08 14.00 3.64
CA SER A 153 -9.22 13.19 3.95
C SER A 153 -9.37 12.07 2.94
N TRP A 154 -9.98 11.00 3.38
CA TRP A 154 -10.23 9.92 2.51
C TRP A 154 -11.69 9.67 2.59
N ASP A 155 -12.35 9.93 1.50
CA ASP A 155 -13.81 9.80 1.48
C ASP A 155 -14.24 8.38 1.28
N LEU A 156 -14.08 7.54 2.28
CA LEU A 156 -14.33 6.11 2.10
C LEU A 156 -15.76 5.58 2.12
N ALA A 157 -15.88 4.42 1.50
CA ALA A 157 -17.14 3.75 1.32
C ALA A 157 -16.93 2.28 1.49
N ASN A 158 -17.71 1.72 2.39
CA ASN A 158 -17.52 0.33 2.69
C ASN A 158 -18.07 -0.60 1.63
N ASN A 159 -17.34 -1.67 1.44
CA ASN A 159 -17.68 -2.69 0.49
C ASN A 159 -17.68 -2.24 -0.97
N LYS A 160 -17.26 -0.99 -1.23
CA LYS A 160 -17.23 -0.43 -2.58
C LYS A 160 -15.84 -0.37 -3.20
N VAL A 161 -15.76 -0.49 -4.53
CA VAL A 161 -14.46 -0.56 -5.21
C VAL A 161 -13.75 0.76 -5.40
N ALA A 162 -12.52 0.79 -4.93
CA ALA A 162 -11.73 1.97 -5.06
C ALA A 162 -10.64 1.76 -6.10
N LYS A 163 -10.48 2.75 -6.93
CA LYS A 163 -9.43 2.68 -7.91
C LYS A 163 -8.38 3.73 -7.57
N VAL A 164 -7.19 3.25 -7.30
CA VAL A 164 -6.10 4.11 -6.88
C VAL A 164 -5.03 4.31 -7.94
N LEU A 165 -4.45 5.48 -7.94
CA LEU A 165 -3.36 5.72 -8.86
C LEU A 165 -2.24 6.54 -8.21
N ILE A 166 -1.03 6.02 -8.38
CA ILE A 166 0.16 6.56 -7.77
C ILE A 166 1.20 6.85 -8.79
N THR A 167 1.72 8.05 -8.73
CA THR A 167 2.74 8.46 -9.67
C THR A 167 3.81 9.25 -9.04
N TYR A 168 4.99 8.93 -9.53
CA TYR A 168 6.19 9.55 -9.09
C TYR A 168 6.96 10.03 -10.26
N ASP A 169 7.14 11.33 -10.26
CA ASP A 169 7.80 12.06 -11.30
C ASP A 169 9.18 12.54 -10.91
N ALA A 170 10.17 11.73 -11.31
CA ALA A 170 11.56 11.92 -11.01
C ALA A 170 11.99 13.33 -11.23
N SER A 171 11.45 13.91 -12.28
CA SER A 171 11.75 15.31 -12.69
C SER A 171 11.51 16.30 -11.59
N THR A 172 10.40 16.17 -10.91
CA THR A 172 10.18 17.05 -9.82
C THR A 172 10.30 16.44 -8.47
N SER A 173 10.48 15.11 -8.40
CA SER A 173 10.46 14.45 -7.11
C SER A 173 9.08 14.66 -6.52
N LEU A 174 8.07 14.61 -7.37
CA LEU A 174 6.73 14.82 -6.89
C LEU A 174 5.92 13.58 -6.97
N LEU A 175 5.50 13.14 -5.81
CA LEU A 175 4.69 11.97 -5.71
C LEU A 175 3.25 12.41 -5.60
N VAL A 176 2.38 11.67 -6.27
CA VAL A 176 0.96 12.04 -6.35
C VAL A 176 0.10 10.82 -6.19
N ALA A 177 -0.94 10.89 -5.35
CA ALA A 177 -1.79 9.72 -5.17
C ALA A 177 -3.19 10.07 -5.30
N SER A 178 -3.94 9.32 -6.09
CA SER A 178 -5.35 9.61 -6.19
C SER A 178 -6.21 8.41 -6.06
N LEU A 179 -7.37 8.61 -5.50
CA LEU A 179 -8.27 7.51 -5.21
C LEU A 179 -9.63 7.79 -5.76
N VAL A 180 -10.25 6.76 -6.31
CA VAL A 180 -11.54 7.04 -6.89
C VAL A 180 -12.59 5.96 -6.67
N TYR A 181 -13.78 6.41 -6.21
CA TYR A 181 -14.95 5.54 -6.05
C TYR A 181 -15.93 5.83 -7.17
N PRO A 182 -15.86 5.06 -8.24
CA PRO A 182 -16.71 5.28 -9.41
C PRO A 182 -18.13 4.94 -9.06
N SER A 183 -18.23 4.08 -8.07
CA SER A 183 -19.50 3.67 -7.59
C SER A 183 -20.23 4.88 -7.05
N GLN A 184 -19.47 5.84 -6.47
CA GLN A 184 -19.94 7.07 -5.77
C GLN A 184 -19.55 8.35 -6.47
N ARG A 185 -18.84 8.18 -7.59
CA ARG A 185 -18.38 9.29 -8.41
C ARG A 185 -17.61 10.27 -7.45
N THR A 186 -16.77 9.65 -6.60
CA THR A 186 -16.00 10.27 -5.51
C THR A 186 -14.46 10.26 -5.72
N SER A 187 -13.78 11.33 -5.25
CA SER A 187 -12.37 11.45 -5.58
C SER A 187 -11.51 12.24 -4.62
N ASN A 188 -10.36 11.66 -4.27
CA ASN A 188 -9.38 12.39 -3.49
C ASN A 188 -7.98 12.36 -4.11
N ILE A 189 -7.28 13.43 -3.84
CA ILE A 189 -5.93 13.50 -4.30
C ILE A 189 -5.02 14.10 -3.24
N LEU A 190 -3.78 13.65 -3.26
CA LEU A 190 -2.75 14.10 -2.35
C LEU A 190 -1.45 14.14 -3.12
N SER A 191 -0.61 15.18 -2.90
CA SER A 191 0.69 15.28 -3.56
C SER A 191 1.78 15.96 -2.72
N ASP A 192 2.97 15.43 -2.80
CA ASP A 192 4.06 16.04 -2.08
C ASP A 192 5.36 15.55 -2.67
N VAL A 193 6.44 16.28 -2.43
CA VAL A 193 7.75 15.86 -2.95
C VAL A 193 8.51 14.97 -2.00
N VAL A 194 9.22 14.00 -2.58
CA VAL A 194 9.92 12.97 -1.83
C VAL A 194 11.22 12.64 -2.46
N ASP A 195 12.29 12.53 -1.65
CA ASP A 195 13.55 12.21 -2.25
C ASP A 195 13.95 10.79 -2.04
N LEU A 196 14.07 10.13 -3.15
CA LEU A 196 14.30 8.71 -3.11
C LEU A 196 15.70 8.39 -2.79
N LYS A 197 16.56 9.08 -3.54
CA LYS A 197 17.98 8.91 -3.47
C LYS A 197 18.47 8.90 -2.00
N THR A 198 17.63 9.39 -1.09
CA THR A 198 17.95 9.48 0.32
C THR A 198 16.96 8.79 1.24
N SER A 199 15.99 8.06 0.70
CA SER A 199 15.04 7.42 1.60
C SER A 199 14.85 5.97 1.26
N LEU A 200 15.57 5.54 0.25
CA LEU A 200 15.53 4.17 -0.20
C LEU A 200 16.84 3.78 -0.91
N PRO A 201 16.94 2.50 -1.17
CA PRO A 201 18.10 1.91 -1.78
C PRO A 201 17.94 1.74 -3.30
N GLU A 202 19.07 1.79 -3.99
CA GLU A 202 19.11 1.68 -5.43
C GLU A 202 18.10 0.69 -5.98
N TRP A 203 17.90 -0.42 -5.26
CA TRP A 203 17.02 -1.52 -5.64
C TRP A 203 16.01 -1.76 -4.54
N VAL A 204 14.76 -1.86 -4.89
CA VAL A 204 13.75 -2.11 -3.88
C VAL A 204 12.81 -3.15 -4.37
N ARG A 205 11.84 -3.49 -3.54
CA ARG A 205 10.73 -4.34 -3.89
C ARG A 205 9.40 -3.65 -3.51
N ILE A 206 8.32 -3.96 -4.21
CA ILE A 206 7.10 -3.28 -3.87
C ILE A 206 5.96 -4.16 -3.47
N GLY A 207 4.95 -3.56 -2.88
CA GLY A 207 3.88 -4.38 -2.46
C GLY A 207 2.94 -3.63 -1.61
N PHE A 208 2.15 -4.41 -0.92
CA PHE A 208 1.13 -3.91 -0.06
C PHE A 208 1.26 -4.48 1.32
N SER A 209 0.66 -3.76 2.28
CA SER A 209 0.57 -4.17 3.68
C SER A 209 -0.78 -3.76 4.23
N ALA A 210 -1.34 -4.58 5.11
CA ALA A 210 -2.67 -4.25 5.59
C ALA A 210 -2.92 -4.84 6.96
N ALA A 211 -3.67 -4.14 7.79
CA ALA A 211 -3.84 -4.63 9.13
C ALA A 211 -5.17 -4.35 9.74
N THR A 212 -5.68 -5.38 10.42
CA THR A 212 -6.90 -5.29 11.21
C THR A 212 -6.67 -4.72 12.58
N GLY A 213 -7.83 -4.52 13.17
CA GLY A 213 -7.89 -4.01 14.52
C GLY A 213 -7.03 -4.83 15.45
N LEU A 214 -6.37 -4.11 16.35
CA LEU A 214 -5.57 -4.75 17.36
C LEU A 214 -6.43 -5.54 18.29
N ASP A 215 -7.49 -4.91 18.76
CA ASP A 215 -8.39 -5.52 19.67
C ASP A 215 -9.81 -5.61 19.14
N ILE A 216 -10.00 -5.17 17.89
CA ILE A 216 -11.29 -5.30 17.20
C ILE A 216 -11.13 -5.83 15.78
N PRO A 217 -12.21 -6.27 15.20
CA PRO A 217 -12.08 -6.81 13.88
C PRO A 217 -11.68 -5.74 12.90
N GLY A 218 -12.38 -4.60 12.96
CA GLY A 218 -12.10 -3.48 12.08
C GLY A 218 -12.66 -3.74 10.70
N GLU A 219 -11.76 -4.00 9.74
CA GLU A 219 -12.15 -4.22 8.35
C GLU A 219 -11.18 -5.10 7.58
N SER A 220 -11.71 -5.93 6.69
CA SER A 220 -10.87 -6.73 5.80
C SER A 220 -10.25 -5.83 4.69
N HIS A 221 -9.16 -6.27 4.11
CA HIS A 221 -8.51 -5.48 3.06
C HIS A 221 -8.11 -6.40 1.91
N ASP A 222 -8.95 -6.49 0.87
CA ASP A 222 -8.62 -7.28 -0.34
C ASP A 222 -8.19 -6.42 -1.54
N VAL A 223 -7.18 -6.89 -2.27
CA VAL A 223 -6.73 -6.22 -3.49
C VAL A 223 -7.11 -7.04 -4.71
N LEU A 224 -7.74 -6.44 -5.68
CA LEU A 224 -8.20 -7.20 -6.83
C LEU A 224 -7.35 -7.15 -8.07
N SER A 225 -6.72 -6.00 -8.35
CA SER A 225 -5.86 -5.89 -9.54
C SER A 225 -4.53 -5.17 -9.27
N TRP A 226 -3.55 -5.36 -10.12
CA TRP A 226 -2.35 -4.63 -9.89
C TRP A 226 -1.66 -4.25 -11.19
N SER A 227 -1.19 -3.00 -11.25
CA SER A 227 -0.47 -2.54 -12.41
C SER A 227 0.71 -1.70 -12.12
N PHE A 228 1.80 -1.97 -12.86
CA PHE A 228 3.01 -1.24 -12.58
C PHE A 228 3.99 -1.08 -13.71
N ALA A 229 4.65 0.06 -13.68
CA ALA A 229 5.65 0.35 -14.66
C ALA A 229 6.64 1.34 -14.18
N SER A 230 7.92 1.12 -14.62
CA SER A 230 8.97 2.01 -14.19
C SER A 230 9.94 2.32 -15.30
N ASN A 231 10.58 3.49 -15.19
CA ASN A 231 11.58 3.89 -16.19
C ASN A 231 12.79 4.52 -15.57
N LEU A 232 13.96 3.99 -15.87
CA LEU A 232 15.18 4.47 -15.25
C LEU A 232 16.14 4.87 -16.31
N PRO A 233 16.04 6.10 -16.70
CA PRO A 233 16.91 6.75 -17.66
C PRO A 233 18.40 6.74 -17.23
N HIS A 234 19.28 6.88 -18.22
CA HIS A 234 20.71 6.95 -18.00
C HIS A 234 21.29 8.38 -18.04
N ALA A 235 22.49 8.52 -18.40
C1 NAG B . -5.31 -0.27 24.79
C2 NAG B . -6.34 -1.21 24.16
C3 NAG B . -6.05 -1.38 22.64
C4 NAG B . -4.90 -0.47 22.25
C5 NAG B . -3.65 -0.80 23.08
C6 NAG B . -2.53 0.20 22.91
C7 NAG B . -5.28 -3.30 25.05
C8 NAG B . -4.28 -2.95 26.20
N2 NAG B . -6.37 -2.48 24.89
O3 NAG B . -7.22 -0.97 21.91
O4 NAG B . -4.62 -0.54 20.82
O5 NAG B . -3.98 -0.72 24.49
O6 NAG B . -3.02 1.49 23.28
O7 NAG B . -5.15 -4.31 24.33
C1 GAL B . -4.76 0.17 19.56
C2 GAL B . -3.97 0.28 18.21
C3 GAL B . -4.83 0.86 17.11
C4 GAL B . -6.20 0.12 17.04
C5 GAL B . -6.93 0.18 18.35
C6 GAL B . -8.17 -0.70 18.16
O2 GAL B . -2.75 1.04 18.32
O3 GAL B . -4.11 0.88 15.87
O4 GAL B . -6.05 -1.25 16.74
O5 GAL B . -6.10 -0.40 19.38
O6 GAL B . -9.27 -0.53 19.03
MN MN C . -2.02 7.95 9.47
CA CA D . -4.00 5.51 12.25
#